data_4ITI
#
_entry.id   4ITI
#
_cell.length_a   82.630
_cell.length_b   91.407
_cell.length_c   103.325
_cell.angle_alpha   90.00
_cell.angle_beta   90.00
_cell.angle_gamma   90.00
#
_symmetry.space_group_name_H-M   'P 21 21 21'
#
loop_
_entity.id
_entity.type
_entity.pdbx_description
1 polymer 'Receptor-interacting serine/threonine-protein kinase 1'
2 non-polymer 1-{(3S,3aS)-3-[3-fluoro-4-(trifluoromethoxy)phenyl]-8-methoxy-3,3a,4,5-tetrahydro-2H-benzo[g]indazol-2-yl}-2-hydroxyethanone
#
_entity_poly.entity_id   1
_entity_poly.type   'polypeptide(L)'
_entity_poly.pdbx_seq_one_letter_code
;MQPDMSLNVIKMKSSDFLESAELDSGGFGKVSLAFHRTQGLMIMKTVYKGPNCIEHNEALLEEAKMMNRLRHSRVVKLLG
VIIEEGKYSLVMEYMEKGNLMHVLKAEMSTPLSVKGRIILEIIEGMAYLHGKGVIHKDLKPENILVDNDFHIKIADLGLA
SFKMWSKLNNEEHNELREVDGTAKKNGGTLYYMAPEHLNDVNAKPTEKSDVYSFAVVLWAIFANKEPYENAIAEQQLIMA
IKSGNRPDVDDITEYCPREIISLMKLCWEANPEARPTFPGIEEKFRPFYLSQLE
;
_entity_poly.pdbx_strand_id   A,B
#
# COMPACT_ATOMS: atom_id res chain seq x y z
N ASN A 8 -10.81 -22.78 6.62
CA ASN A 8 -9.40 -23.10 6.53
C ASN A 8 -9.05 -23.52 5.10
N VAL A 9 -8.50 -22.57 4.35
CA VAL A 9 -8.57 -22.60 2.88
C VAL A 9 -7.79 -23.67 2.14
N ILE A 10 -8.29 -24.01 0.96
CA ILE A 10 -7.64 -24.93 0.04
C ILE A 10 -6.37 -24.34 -0.52
N LYS A 11 -5.29 -25.09 -0.43
CA LYS A 11 -4.08 -24.70 -1.13
C LYS A 11 -4.06 -25.41 -2.48
N MET A 12 -3.57 -24.69 -3.49
CA MET A 12 -3.38 -25.27 -4.81
C MET A 12 -1.94 -24.99 -5.23
N LYS A 13 -1.48 -25.64 -6.29
CA LYS A 13 -0.13 -25.45 -6.80
C LYS A 13 -0.17 -24.87 -8.20
N SER A 14 0.95 -24.31 -8.65
CA SER A 14 1.01 -23.74 -10.00
C SER A 14 0.90 -24.84 -11.03
N SER A 15 1.54 -25.97 -10.73
CA SER A 15 1.60 -27.14 -11.60
C SER A 15 0.21 -27.63 -11.98
N ASP A 16 -0.76 -27.41 -11.08
CA ASP A 16 -2.15 -27.84 -11.29
C ASP A 16 -2.84 -27.19 -12.49
N PHE A 17 -2.16 -26.24 -13.14
CA PHE A 17 -2.75 -25.51 -14.25
C PHE A 17 -1.99 -25.69 -15.55
N LEU A 18 -2.64 -25.35 -16.66
CA LEU A 18 -2.02 -25.49 -17.98
C LEU A 18 -2.07 -24.18 -18.75
N GLU A 19 -0.95 -23.81 -19.35
CA GLU A 19 -0.85 -22.57 -20.12
C GLU A 19 -0.88 -22.86 -21.62
N SER A 20 -0.67 -24.11 -21.99
CA SER A 20 -0.67 -24.51 -23.39
C SER A 20 -2.05 -24.34 -24.02
N ALA A 21 -2.93 -23.66 -23.29
CA ALA A 21 -4.29 -23.41 -23.76
C ALA A 21 -4.53 -21.93 -23.98
N GLU A 22 -5.22 -21.60 -25.06
CA GLU A 22 -5.53 -20.21 -25.36
C GLU A 22 -6.88 -19.82 -24.78
N LEU A 23 -6.88 -19.33 -23.55
CA LEU A 23 -8.10 -18.89 -22.89
C LEU A 23 -8.34 -17.40 -23.16
N ASP A 24 -9.61 -17.03 -23.26
CA ASP A 24 -9.98 -15.64 -23.54
C ASP A 24 -10.45 -14.92 -22.28
N SER A 25 -9.52 -14.32 -21.56
CA SER A 25 -9.84 -13.56 -20.36
C SER A 25 -10.39 -12.18 -20.72
N GLY A 26 -10.89 -12.05 -21.94
CA GLY A 26 -11.45 -10.79 -22.41
C GLY A 26 -12.77 -10.47 -21.75
N GLY A 27 -12.89 -9.25 -21.23
CA GLY A 27 -14.10 -8.82 -20.55
C GLY A 27 -14.10 -9.23 -19.10
N PHE A 28 -12.93 -9.63 -18.60
CA PHE A 28 -12.80 -10.04 -17.21
C PHE A 28 -12.07 -8.99 -16.39
N GLY A 29 -11.08 -8.33 -16.99
CA GLY A 29 -10.42 -7.22 -16.34
C GLY A 29 -8.98 -7.51 -15.98
N LYS A 30 -8.62 -7.18 -14.75
CA LYS A 30 -7.25 -7.41 -14.27
C LYS A 30 -6.95 -8.89 -14.14
N VAL A 31 -7.95 -9.66 -13.70
CA VAL A 31 -7.79 -11.09 -13.54
C VAL A 31 -7.92 -11.80 -14.88
N SER A 32 -7.27 -12.95 -14.99
CA SER A 32 -7.29 -13.74 -16.22
C SER A 32 -7.92 -15.11 -15.99
N LEU A 33 -8.12 -15.86 -17.06
CA LEU A 33 -8.68 -17.20 -16.96
C LEU A 33 -7.56 -18.23 -16.93
N ALA A 34 -7.78 -19.29 -16.16
CA ALA A 34 -6.81 -20.37 -16.03
C ALA A 34 -7.49 -21.73 -16.21
N PHE A 35 -6.84 -22.64 -16.93
CA PHE A 35 -7.37 -23.99 -16.99
C PHE A 35 -6.73 -24.91 -15.97
N HIS A 36 -7.56 -25.44 -15.08
CA HIS A 36 -7.12 -26.39 -14.08
C HIS A 36 -7.18 -27.79 -14.64
N ARG A 37 -6.09 -28.53 -14.46
CA ARG A 37 -5.91 -29.88 -15.00
C ARG A 37 -7.00 -30.89 -14.61
N THR A 38 -7.57 -30.73 -13.43
CA THR A 38 -8.60 -31.66 -12.94
C THR A 38 -10.00 -31.06 -13.05
N GLN A 39 -10.10 -29.75 -12.85
CA GLN A 39 -11.39 -29.13 -12.61
C GLN A 39 -11.80 -28.12 -13.67
N GLY A 40 -10.86 -27.72 -14.52
CA GLY A 40 -11.22 -26.89 -15.65
C GLY A 40 -11.13 -25.40 -15.42
N LEU A 41 -12.03 -24.68 -16.08
CA LEU A 41 -11.98 -23.23 -16.12
C LEU A 41 -12.12 -22.56 -14.76
N MET A 42 -11.19 -21.66 -14.48
CA MET A 42 -11.16 -20.93 -13.21
C MET A 42 -10.65 -19.51 -13.42
N ILE A 43 -10.81 -18.67 -12.41
CA ILE A 43 -10.38 -17.29 -12.46
C ILE A 43 -9.12 -17.15 -11.63
N MET A 44 -8.07 -16.63 -12.26
CA MET A 44 -6.78 -16.45 -11.63
C MET A 44 -6.48 -14.98 -11.33
N LYS A 45 -6.33 -14.67 -10.04
CA LYS A 45 -5.81 -13.38 -9.63
C LYS A 45 -4.39 -13.55 -9.15
N THR A 46 -3.44 -13.07 -9.91
CA THR A 46 -2.08 -13.09 -9.40
C THR A 46 -1.93 -11.83 -8.60
N VAL A 47 -1.41 -11.98 -7.38
CA VAL A 47 -1.27 -10.84 -6.49
C VAL A 47 0.18 -10.43 -6.19
N TYR A 48 1.10 -11.37 -6.26
CA TYR A 48 2.50 -11.04 -6.04
C TYR A 48 3.44 -12.01 -6.76
N LYS A 49 4.47 -11.46 -7.39
CA LYS A 49 5.54 -12.29 -7.93
C LYS A 49 6.91 -11.63 -7.74
N GLY A 50 7.89 -12.44 -7.37
CA GLY A 50 9.25 -11.93 -7.21
C GLY A 50 10.01 -12.62 -6.10
N PRO A 51 10.80 -11.86 -5.34
CA PRO A 51 11.56 -12.38 -4.20
C PRO A 51 10.66 -13.06 -3.18
N ASN A 52 11.24 -13.81 -2.25
CA ASN A 52 10.48 -14.50 -1.22
C ASN A 52 10.12 -13.60 -0.06
N CYS A 53 9.35 -14.13 0.88
CA CYS A 53 8.93 -13.37 2.06
C CYS A 53 8.01 -14.19 2.95
N ILE A 54 8.42 -15.43 3.23
CA ILE A 54 7.64 -16.33 4.07
C ILE A 54 7.47 -15.76 5.47
N GLU A 55 7.75 -14.47 5.62
CA GLU A 55 7.62 -13.80 6.92
C GLU A 55 6.21 -13.24 7.11
N HIS A 56 5.45 -13.20 6.03
CA HIS A 56 4.09 -12.69 6.08
C HIS A 56 3.10 -13.76 5.75
N ASN A 57 3.59 -14.97 5.53
CA ASN A 57 2.72 -16.11 5.18
C ASN A 57 1.60 -16.38 6.19
N GLU A 58 1.96 -16.62 7.44
CA GLU A 58 0.98 -16.93 8.48
C GLU A 58 -0.14 -15.90 8.52
N ALA A 59 0.22 -14.63 8.66
CA ALA A 59 -0.77 -13.55 8.69
C ALA A 59 -1.73 -13.69 7.51
N LEU A 60 -1.16 -13.87 6.32
CA LEU A 60 -1.95 -13.99 5.11
C LEU A 60 -3.00 -15.07 5.29
N LEU A 61 -2.54 -16.24 5.71
CA LEU A 61 -3.43 -17.38 5.93
C LEU A 61 -4.57 -16.99 6.86
N GLU A 62 -4.22 -16.30 7.95
CA GLU A 62 -5.24 -15.95 8.94
C GLU A 62 -6.27 -15.10 8.24
N GLU A 63 -5.79 -14.12 7.48
CA GLU A 63 -6.68 -13.22 6.75
C GLU A 63 -7.62 -14.06 5.89
N ALA A 64 -7.02 -15.01 5.15
CA ALA A 64 -7.80 -15.85 4.28
C ALA A 64 -8.85 -16.61 5.09
N LYS A 65 -8.41 -17.19 6.21
CA LYS A 65 -9.31 -17.94 7.07
C LYS A 65 -10.48 -17.04 7.38
N MET A 66 -10.19 -15.81 7.79
CA MET A 66 -11.24 -14.87 8.13
C MET A 66 -12.15 -14.61 6.96
N MET A 67 -11.57 -14.34 5.79
CA MET A 67 -12.39 -14.02 4.64
C MET A 67 -13.15 -15.24 4.17
N ASN A 68 -12.68 -16.43 4.55
CA ASN A 68 -13.40 -17.64 4.16
C ASN A 68 -14.73 -17.76 4.89
N ARG A 69 -14.94 -16.95 5.93
CA ARG A 69 -16.22 -16.96 6.63
C ARG A 69 -17.34 -16.30 5.79
N LEU A 70 -16.94 -15.58 4.75
CA LEU A 70 -17.91 -14.98 3.84
C LEU A 70 -18.39 -16.00 2.84
N ARG A 71 -19.60 -16.52 3.04
CA ARG A 71 -20.14 -17.52 2.11
C ARG A 71 -21.62 -17.33 1.81
N HIS A 72 -21.87 -16.97 0.57
CA HIS A 72 -23.20 -16.52 0.18
C HIS A 72 -23.29 -16.61 -1.32
N SER A 73 -24.52 -16.65 -1.80
CA SER A 73 -24.83 -16.93 -3.19
C SER A 73 -24.51 -15.78 -4.13
N ARG A 74 -24.31 -14.59 -3.55
CA ARG A 74 -23.92 -13.44 -4.35
C ARG A 74 -22.46 -12.99 -4.17
N VAL A 75 -21.68 -13.75 -3.43
CA VAL A 75 -20.25 -13.47 -3.34
C VAL A 75 -19.48 -14.63 -4.01
N VAL A 76 -18.50 -14.29 -4.85
CA VAL A 76 -17.79 -15.32 -5.61
C VAL A 76 -16.99 -16.20 -4.66
N LYS A 77 -16.79 -17.46 -5.02
CA LYS A 77 -16.11 -18.40 -4.13
C LYS A 77 -14.62 -18.47 -4.39
N LEU A 78 -13.85 -18.59 -3.31
CA LEU A 78 -12.44 -18.89 -3.44
C LEU A 78 -12.28 -20.40 -3.61
N LEU A 79 -11.65 -20.81 -4.69
CA LEU A 79 -11.42 -22.23 -4.94
C LEU A 79 -10.10 -22.63 -4.29
N GLY A 80 -9.23 -21.65 -4.14
CA GLY A 80 -8.02 -21.88 -3.37
C GLY A 80 -6.96 -20.82 -3.56
N VAL A 81 -5.87 -20.95 -2.83
CA VAL A 81 -4.76 -20.02 -2.94
C VAL A 81 -3.52 -20.75 -3.42
N ILE A 82 -2.67 -20.02 -4.14
CA ILE A 82 -1.34 -20.51 -4.48
C ILE A 82 -0.34 -19.69 -3.68
N ILE A 83 0.21 -20.29 -2.64
CA ILE A 83 1.22 -19.63 -1.83
C ILE A 83 2.55 -20.33 -2.02
N GLU A 84 3.34 -19.79 -2.92
CA GLU A 84 4.59 -20.39 -3.34
C GLU A 84 5.75 -19.43 -3.22
N GLU A 85 6.96 -19.98 -3.26
CA GLU A 85 8.17 -19.18 -3.13
C GLU A 85 8.25 -18.08 -4.18
N GLY A 86 7.91 -16.86 -3.78
CA GLY A 86 7.99 -15.71 -4.66
C GLY A 86 6.79 -15.58 -5.60
N LYS A 87 5.75 -16.35 -5.32
CA LYS A 87 4.54 -16.31 -6.14
C LYS A 87 3.29 -16.52 -5.29
N TYR A 88 2.39 -15.54 -5.34
CA TYR A 88 1.14 -15.61 -4.60
C TYR A 88 -0.07 -15.36 -5.52
N SER A 89 -1.06 -16.25 -5.46
CA SER A 89 -2.26 -16.13 -6.30
C SER A 89 -3.55 -16.51 -5.57
N LEU A 90 -4.65 -15.95 -6.05
CA LEU A 90 -5.99 -16.35 -5.63
C LEU A 90 -6.75 -16.99 -6.78
N VAL A 91 -7.51 -18.01 -6.46
CA VAL A 91 -8.17 -18.76 -7.48
C VAL A 91 -9.62 -18.88 -7.10
N MET A 92 -10.46 -18.38 -7.99
CA MET A 92 -11.88 -18.25 -7.71
C MET A 92 -12.74 -18.80 -8.84
N GLU A 93 -13.99 -19.09 -8.49
CA GLU A 93 -14.93 -19.68 -9.43
C GLU A 93 -15.07 -18.93 -10.77
N TYR A 94 -15.40 -19.67 -11.81
CA TYR A 94 -15.53 -19.10 -13.14
C TYR A 94 -16.92 -18.49 -13.34
N MET A 95 -16.96 -17.30 -13.94
CA MET A 95 -18.20 -16.59 -14.24
C MET A 95 -18.21 -16.30 -15.74
N GLU A 96 -19.00 -17.06 -16.49
CA GLU A 96 -18.78 -17.14 -17.94
C GLU A 96 -18.92 -15.81 -18.69
N LYS A 97 -19.80 -14.93 -18.19
CA LYS A 97 -20.06 -13.68 -18.89
C LYS A 97 -19.16 -12.54 -18.44
N GLY A 98 -18.27 -12.80 -17.50
CA GLY A 98 -17.35 -11.77 -17.04
C GLY A 98 -17.98 -10.68 -16.17
N ASN A 99 -17.37 -9.49 -16.19
CA ASN A 99 -17.81 -8.43 -15.28
C ASN A 99 -19.06 -7.69 -15.74
N LEU A 100 -19.56 -6.77 -14.92
CA LEU A 100 -20.88 -6.21 -15.18
C LEU A 100 -20.89 -5.27 -16.37
N MET A 101 -19.86 -4.45 -16.48
CA MET A 101 -19.80 -3.51 -17.59
C MET A 101 -19.86 -4.25 -18.93
N HIS A 102 -18.96 -5.23 -19.09
CA HIS A 102 -18.85 -6.08 -20.29
C HIS A 102 -20.19 -6.64 -20.77
N VAL A 103 -21.06 -6.95 -19.82
CA VAL A 103 -22.36 -7.52 -20.14
C VAL A 103 -23.35 -6.39 -20.46
N LEU A 104 -23.20 -5.26 -19.78
CA LEU A 104 -23.95 -4.07 -20.12
C LEU A 104 -23.55 -3.50 -21.49
N LYS A 105 -22.26 -3.57 -21.81
CA LYS A 105 -21.72 -3.05 -23.07
C LYS A 105 -21.76 -4.14 -24.14
N ALA A 106 -22.65 -5.10 -23.97
CA ALA A 106 -22.79 -6.19 -24.91
C ALA A 106 -23.30 -5.70 -26.26
N GLU A 107 -23.44 -6.62 -27.21
CA GLU A 107 -23.92 -6.27 -28.55
C GLU A 107 -25.41 -6.60 -28.70
N MET A 108 -26.00 -7.13 -27.64
CA MET A 108 -27.41 -7.50 -27.66
C MET A 108 -28.25 -6.47 -26.91
N SER A 109 -28.82 -6.88 -25.78
CA SER A 109 -29.64 -6.00 -24.97
C SER A 109 -30.12 -6.75 -23.75
N THR A 110 -30.47 -6.03 -22.70
CA THR A 110 -30.97 -6.70 -21.50
C THR A 110 -32.18 -5.98 -20.87
N PRO A 111 -33.23 -6.76 -20.57
CA PRO A 111 -34.54 -6.35 -20.07
C PRO A 111 -34.51 -5.62 -18.73
N LEU A 112 -35.60 -4.94 -18.41
CA LEU A 112 -35.83 -4.37 -17.10
C LEU A 112 -35.77 -5.46 -16.02
N SER A 113 -36.36 -6.62 -16.33
CA SER A 113 -36.49 -7.68 -15.33
C SER A 113 -35.13 -8.22 -14.95
N VAL A 114 -34.26 -8.33 -15.95
CA VAL A 114 -32.89 -8.75 -15.74
C VAL A 114 -32.13 -7.70 -14.90
N LYS A 115 -31.99 -6.49 -15.43
CA LYS A 115 -31.32 -5.41 -14.73
C LYS A 115 -31.74 -5.25 -13.26
N GLY A 116 -33.06 -5.23 -13.05
CA GLY A 116 -33.61 -5.19 -11.70
C GLY A 116 -33.30 -6.40 -10.84
N ARG A 117 -33.29 -7.60 -11.43
CA ARG A 117 -32.90 -8.79 -10.68
C ARG A 117 -31.41 -8.76 -10.31
N ILE A 118 -30.63 -8.11 -11.17
CA ILE A 118 -29.21 -7.97 -10.99
C ILE A 118 -29.02 -7.09 -9.78
N ILE A 119 -29.73 -5.97 -9.81
CA ILE A 119 -29.76 -5.06 -8.69
C ILE A 119 -30.15 -5.77 -7.39
N LEU A 120 -31.25 -6.51 -7.40
CA LEU A 120 -31.68 -7.17 -6.17
C LEU A 120 -30.60 -8.13 -5.67
N GLU A 121 -29.99 -8.87 -6.60
CA GLU A 121 -28.93 -9.81 -6.25
C GLU A 121 -27.75 -9.11 -5.57
N ILE A 122 -27.28 -8.03 -6.22
CA ILE A 122 -26.29 -7.14 -5.63
C ILE A 122 -26.66 -6.81 -4.20
N ILE A 123 -27.87 -6.30 -4.02
CA ILE A 123 -28.34 -5.92 -2.71
C ILE A 123 -28.22 -7.05 -1.70
N GLU A 124 -28.67 -8.25 -2.04
CA GLU A 124 -28.54 -9.37 -1.10
C GLU A 124 -27.05 -9.61 -0.78
N GLY A 125 -26.20 -9.42 -1.78
CA GLY A 125 -24.77 -9.53 -1.56
C GLY A 125 -24.31 -8.55 -0.49
N MET A 126 -24.47 -7.27 -0.78
CA MET A 126 -24.03 -6.21 0.12
C MET A 126 -24.62 -6.32 1.52
N ALA A 127 -25.90 -6.65 1.60
CA ALA A 127 -26.57 -6.81 2.87
C ALA A 127 -25.92 -7.98 3.60
N TYR A 128 -25.54 -8.99 2.84
CA TYR A 128 -24.92 -10.15 3.48
C TYR A 128 -23.58 -9.73 4.10
N LEU A 129 -22.77 -9.05 3.27
CA LEU A 129 -21.48 -8.55 3.68
C LEU A 129 -21.54 -7.68 4.93
N HIS A 130 -22.40 -6.67 4.91
CA HIS A 130 -22.51 -5.80 6.05
C HIS A 130 -23.03 -6.61 7.24
N GLY A 131 -23.82 -7.64 6.93
CA GLY A 131 -24.26 -8.58 7.93
C GLY A 131 -23.05 -9.21 8.63
N LYS A 132 -22.02 -9.50 7.86
CA LYS A 132 -20.83 -10.07 8.46
C LYS A 132 -19.84 -8.99 8.95
N GLY A 133 -20.33 -7.76 9.05
CA GLY A 133 -19.56 -6.64 9.57
C GLY A 133 -18.34 -6.37 8.72
N VAL A 134 -18.55 -6.21 7.40
CA VAL A 134 -17.45 -6.10 6.46
C VAL A 134 -17.77 -5.06 5.41
N ILE A 135 -16.81 -4.18 5.12
N ILE A 135 -16.81 -4.19 5.12
CA ILE A 135 -17.01 -3.13 4.14
CA ILE A 135 -17.00 -3.13 4.15
C ILE A 135 -16.18 -3.41 2.90
C ILE A 135 -16.17 -3.41 2.90
N HIS A 136 -16.85 -3.46 1.76
CA HIS A 136 -16.24 -3.77 0.49
C HIS A 136 -15.23 -2.69 0.12
N LYS A 137 -15.58 -1.45 0.41
CA LYS A 137 -14.76 -0.27 0.08
C LYS A 137 -14.44 -0.07 -1.39
N ASP A 138 -14.94 -0.90 -2.29
CA ASP A 138 -14.66 -0.67 -3.71
C ASP A 138 -15.71 -1.21 -4.68
N LEU A 139 -16.98 -1.04 -4.31
CA LEU A 139 -18.07 -1.49 -5.17
C LEU A 139 -18.04 -0.77 -6.51
N LYS A 140 -18.07 -1.55 -7.59
CA LYS A 140 -18.10 -1.02 -8.96
C LYS A 140 -18.27 -2.18 -9.96
N PRO A 141 -18.82 -1.89 -11.16
CA PRO A 141 -19.17 -2.87 -12.19
C PRO A 141 -18.07 -3.87 -12.53
N GLU A 142 -16.81 -3.42 -12.52
CA GLU A 142 -15.68 -4.33 -12.55
C GLU A 142 -15.84 -5.46 -11.52
N ASN A 143 -16.29 -5.13 -10.31
CA ASN A 143 -16.37 -6.13 -9.25
C ASN A 143 -17.72 -6.80 -9.13
N ILE A 144 -18.52 -6.67 -10.18
CA ILE A 144 -19.69 -7.53 -10.33
C ILE A 144 -19.44 -8.49 -11.48
N LEU A 145 -19.50 -9.78 -11.18
CA LEU A 145 -19.27 -10.80 -12.19
C LEU A 145 -20.58 -11.49 -12.54
N VAL A 146 -20.74 -11.86 -13.81
CA VAL A 146 -21.99 -12.50 -14.25
C VAL A 146 -21.80 -13.91 -14.79
N ASP A 147 -22.67 -14.81 -14.35
CA ASP A 147 -22.70 -16.17 -14.89
C ASP A 147 -23.57 -16.28 -16.15
N ASN A 148 -23.67 -17.48 -16.71
CA ASN A 148 -24.43 -17.69 -17.94
C ASN A 148 -25.92 -17.32 -17.82
N ASP A 149 -26.48 -17.52 -16.62
CA ASP A 149 -27.88 -17.21 -16.35
C ASP A 149 -28.09 -15.81 -15.76
N PHE A 150 -27.20 -14.88 -16.10
CA PHE A 150 -27.27 -13.49 -15.65
C PHE A 150 -27.49 -13.30 -14.13
N HIS A 151 -27.20 -14.35 -13.38
CA HIS A 151 -27.09 -14.29 -11.93
C HIS A 151 -25.69 -13.79 -11.57
N ILE A 152 -25.59 -12.82 -10.68
CA ILE A 152 -24.29 -12.22 -10.42
C ILE A 152 -23.62 -12.62 -9.12
N LYS A 153 -22.34 -12.28 -9.04
CA LYS A 153 -21.59 -12.45 -7.82
C LYS A 153 -20.64 -11.27 -7.63
N ILE A 154 -20.54 -10.78 -6.40
CA ILE A 154 -19.67 -9.66 -6.07
C ILE A 154 -18.24 -10.12 -5.79
N ALA A 155 -17.28 -9.41 -6.35
CA ALA A 155 -15.86 -9.71 -6.15
C ALA A 155 -15.10 -8.54 -5.49
N ASP A 156 -13.84 -8.76 -5.08
CA ASP A 156 -12.96 -7.64 -4.70
C ASP A 156 -11.59 -7.76 -5.36
N LEU A 157 -11.58 -7.53 -6.68
CA LEU A 157 -10.44 -7.82 -7.52
C LEU A 157 -9.27 -6.82 -7.43
N GLY A 158 -9.42 -5.77 -6.64
CA GLY A 158 -8.31 -4.88 -6.36
C GLY A 158 -7.89 -5.01 -4.91
N LEU A 159 -8.40 -6.06 -4.28
CA LEU A 159 -8.14 -6.41 -2.88
C LEU A 159 -8.44 -5.30 -1.84
N ALA A 160 -9.26 -4.33 -2.23
CA ALA A 160 -9.54 -3.18 -1.38
C ALA A 160 -10.03 -3.51 0.02
N SER A 161 -10.87 -4.52 0.15
CA SER A 161 -11.46 -4.79 1.44
C SER A 161 -10.52 -5.60 2.34
N PHE A 162 -9.33 -5.88 1.82
CA PHE A 162 -8.30 -6.67 2.51
C PHE A 162 -7.29 -5.79 3.27
N LYS A 163 -6.54 -6.39 4.18
CA LYS A 163 -5.49 -5.65 4.88
C LYS A 163 -4.11 -6.18 4.48
N MET A 164 -3.88 -7.44 4.79
CA MET A 164 -2.62 -8.08 4.50
C MET A 164 -2.46 -8.32 3.00
N TRP A 165 -3.46 -8.93 2.39
CA TRP A 165 -3.39 -9.24 0.96
C TRP A 165 -3.33 -7.96 0.14
N SER A 166 -3.95 -6.91 0.68
CA SER A 166 -3.84 -5.55 0.18
C SER A 166 -2.36 -5.12 0.26
N LYS A 167 -1.79 -5.22 1.46
CA LYS A 167 -0.40 -4.85 1.67
C LYS A 167 0.56 -5.61 0.77
N LEU A 168 0.14 -6.80 0.34
CA LEU A 168 0.96 -7.65 -0.52
C LEU A 168 0.93 -7.16 -1.96
N ASN A 169 -0.25 -6.73 -2.41
CA ASN A 169 -0.43 -6.33 -3.80
C ASN A 169 0.24 -5.00 -4.13
N ASN A 170 1.04 -4.48 -3.19
CA ASN A 170 1.69 -3.19 -3.40
C ASN A 170 3.11 -3.14 -2.86
N GLU A 171 3.53 -4.21 -2.20
CA GLU A 171 4.91 -4.30 -1.70
C GLU A 171 5.89 -3.94 -2.81
N GLU A 172 6.49 -2.76 -2.70
CA GLU A 172 7.41 -2.26 -3.71
C GLU A 172 8.20 -3.39 -4.38
N HIS A 173 8.62 -4.37 -3.59
CA HIS A 173 9.41 -5.48 -4.09
C HIS A 173 8.62 -6.38 -4.99
N ASN A 174 7.46 -5.90 -5.44
CA ASN A 174 6.60 -6.70 -6.31
C ASN A 174 6.94 -6.50 -7.78
N GLU A 175 6.73 -7.54 -8.58
CA GLU A 175 7.03 -7.49 -10.01
C GLU A 175 5.78 -7.52 -10.86
N LEU A 176 4.66 -7.88 -10.25
CA LEU A 176 3.38 -7.91 -10.96
C LEU A 176 2.80 -6.51 -11.10
N GLY A 187 -7.25 7.08 -9.77
CA GLY A 187 -7.72 5.99 -10.61
C GLY A 187 -9.22 5.98 -10.76
N GLY A 188 -9.68 5.78 -11.99
CA GLY A 188 -11.11 5.75 -12.27
C GLY A 188 -11.93 5.28 -11.09
N THR A 189 -11.43 4.28 -10.38
CA THR A 189 -12.11 3.74 -9.22
C THR A 189 -12.53 4.85 -8.27
N LEU A 190 -12.25 6.09 -8.65
CA LEU A 190 -12.60 7.24 -7.82
C LEU A 190 -14.01 7.74 -8.14
N TYR A 191 -14.55 7.31 -9.27
CA TYR A 191 -15.88 7.71 -9.69
C TYR A 191 -16.96 6.99 -8.88
N TYR A 192 -16.56 5.98 -8.11
CA TYR A 192 -17.51 5.21 -7.34
C TYR A 192 -17.35 5.44 -5.87
N MET A 193 -16.35 6.26 -5.55
CA MET A 193 -15.98 6.51 -4.17
C MET A 193 -16.84 7.65 -3.60
N ALA A 194 -17.22 7.53 -2.33
CA ALA A 194 -17.96 8.57 -1.65
C ALA A 194 -17.09 9.83 -1.59
N PRO A 195 -17.72 11.01 -1.43
CA PRO A 195 -16.92 12.24 -1.51
C PRO A 195 -16.17 12.49 -0.22
N GLU A 196 -16.71 11.95 0.88
CA GLU A 196 -16.10 11.96 2.21
C GLU A 196 -14.68 11.44 2.14
N HIS A 197 -14.49 10.45 1.27
CA HIS A 197 -13.23 9.73 1.14
C HIS A 197 -12.36 10.36 0.07
N LEU A 198 -12.95 11.26 -0.69
CA LEU A 198 -12.21 11.99 -1.70
C LEU A 198 -11.30 13.01 -1.06
N ASN A 199 -10.02 12.92 -1.37
CA ASN A 199 -8.99 13.75 -0.78
C ASN A 199 -8.96 13.78 0.77
N ASP A 200 -9.66 12.83 1.39
CA ASP A 200 -9.45 12.54 2.80
C ASP A 200 -9.33 11.05 3.15
N VAL A 201 -8.09 10.59 3.18
CA VAL A 201 -7.77 9.20 3.51
C VAL A 201 -7.93 8.83 4.97
N ASN A 202 -8.30 9.76 5.83
CA ASN A 202 -8.22 9.47 7.26
C ASN A 202 -9.57 9.07 7.88
N ALA A 203 -10.64 9.37 7.16
CA ALA A 203 -11.97 9.02 7.60
C ALA A 203 -12.24 7.53 7.39
N LYS A 204 -12.70 6.84 8.41
CA LYS A 204 -12.92 5.40 8.33
C LYS A 204 -14.15 5.03 7.51
N PRO A 205 -13.94 4.32 6.40
CA PRO A 205 -15.05 3.83 5.59
C PRO A 205 -16.13 3.15 6.42
N THR A 206 -17.36 3.31 5.96
CA THR A 206 -18.50 2.73 6.64
C THR A 206 -19.36 2.09 5.59
N GLU A 207 -20.41 1.42 6.04
CA GLU A 207 -21.35 0.74 5.14
C GLU A 207 -21.83 1.70 4.09
N LYS A 208 -21.97 2.95 4.52
CA LYS A 208 -22.46 4.04 3.72
C LYS A 208 -21.62 4.35 2.50
N SER A 209 -20.31 4.14 2.61
CA SER A 209 -19.40 4.39 1.50
C SER A 209 -19.76 3.45 0.34
N ASP A 210 -20.04 2.21 0.72
CA ASP A 210 -20.52 1.17 -0.20
C ASP A 210 -21.88 1.53 -0.75
N VAL A 211 -22.70 2.17 0.07
CA VAL A 211 -24.01 2.63 -0.42
C VAL A 211 -23.93 3.75 -1.50
N TYR A 212 -23.01 4.70 -1.31
CA TYR A 212 -22.76 5.68 -2.34
C TYR A 212 -22.33 4.96 -3.61
N SER A 213 -21.39 4.03 -3.42
CA SER A 213 -20.86 3.29 -4.56
C SER A 213 -21.99 2.57 -5.32
N PHE A 214 -22.89 1.98 -4.56
CA PHE A 214 -24.07 1.27 -5.07
C PHE A 214 -24.89 2.19 -5.93
N ALA A 215 -25.11 3.40 -5.42
CA ALA A 215 -25.83 4.41 -6.19
C ALA A 215 -25.20 4.61 -7.56
N VAL A 216 -23.91 4.93 -7.55
CA VAL A 216 -23.25 5.17 -8.84
C VAL A 216 -23.31 3.95 -9.76
N VAL A 217 -23.43 2.77 -9.13
CA VAL A 217 -23.56 1.56 -9.92
C VAL A 217 -24.93 1.46 -10.59
N LEU A 218 -26.00 1.73 -9.84
CA LEU A 218 -27.36 1.83 -10.43
C LEU A 218 -27.33 2.78 -11.64
N TRP A 219 -26.67 3.92 -11.45
CA TRP A 219 -26.50 4.80 -12.61
C TRP A 219 -25.83 4.07 -13.76
N ALA A 220 -24.68 3.46 -13.49
CA ALA A 220 -23.92 2.80 -14.54
C ALA A 220 -24.77 1.79 -15.30
N ILE A 221 -25.65 1.13 -14.56
CA ILE A 221 -26.48 0.07 -15.10
C ILE A 221 -27.50 0.64 -16.04
N PHE A 222 -28.26 1.63 -15.58
CA PHE A 222 -29.30 2.11 -16.47
C PHE A 222 -28.75 2.98 -17.61
N ALA A 223 -27.49 3.39 -17.47
CA ALA A 223 -26.83 4.19 -18.47
C ALA A 223 -25.96 3.35 -19.39
N ASN A 224 -25.92 2.05 -19.13
CA ASN A 224 -25.02 1.10 -19.83
C ASN A 224 -23.59 1.61 -20.13
N LYS A 225 -23.06 2.43 -19.22
CA LYS A 225 -21.71 2.97 -19.38
C LYS A 225 -21.23 3.63 -18.10
N GLU A 226 -19.91 3.80 -17.98
CA GLU A 226 -19.32 4.41 -16.79
C GLU A 226 -19.67 5.89 -16.70
N PRO A 227 -19.17 6.55 -15.67
CA PRO A 227 -19.43 7.97 -15.46
C PRO A 227 -18.28 8.84 -15.98
N TYR A 228 -18.60 9.76 -16.89
CA TYR A 228 -17.59 10.65 -17.46
C TYR A 228 -16.62 9.88 -18.36
N GLU A 234 -8.55 15.55 -13.02
CA GLU A 234 -9.15 15.02 -11.81
C GLU A 234 -9.55 16.22 -10.98
N GLN A 235 -8.56 16.88 -10.39
CA GLN A 235 -8.73 18.04 -9.51
C GLN A 235 -10.08 18.73 -9.55
N GLN A 236 -10.39 19.31 -10.72
CA GLN A 236 -11.66 20.00 -10.93
C GLN A 236 -12.82 19.07 -10.64
N LEU A 237 -12.77 17.90 -11.26
CA LEU A 237 -13.81 16.88 -11.11
C LEU A 237 -13.96 16.36 -9.67
N ILE A 238 -12.83 16.09 -9.03
CA ILE A 238 -12.84 15.65 -7.65
C ILE A 238 -13.53 16.70 -6.77
N MET A 239 -13.08 17.93 -6.89
CA MET A 239 -13.63 18.99 -6.04
C MET A 239 -15.12 19.20 -6.33
N ALA A 240 -15.46 19.06 -7.61
CA ALA A 240 -16.85 19.12 -8.07
C ALA A 240 -17.70 18.07 -7.36
N ILE A 241 -17.21 16.84 -7.30
CA ILE A 241 -17.95 15.76 -6.63
C ILE A 241 -18.05 16.01 -5.12
N LYS A 242 -16.97 16.49 -4.54
CA LYS A 242 -17.01 16.93 -3.14
C LYS A 242 -18.08 18.01 -2.94
N SER A 243 -18.11 19.00 -3.85
CA SER A 243 -19.10 20.08 -3.77
C SER A 243 -20.56 19.58 -3.85
N GLY A 244 -20.81 18.60 -4.72
CA GLY A 244 -22.13 18.01 -4.85
C GLY A 244 -22.39 17.40 -6.22
N ASN A 245 -21.38 17.40 -7.08
CA ASN A 245 -21.53 16.83 -8.42
C ASN A 245 -21.78 15.31 -8.40
N ARG A 246 -22.70 14.88 -9.28
CA ARG A 246 -23.11 13.49 -9.43
C ARG A 246 -23.21 13.15 -10.92
N PRO A 247 -23.35 11.84 -11.24
CA PRO A 247 -23.53 11.45 -12.65
C PRO A 247 -24.71 12.13 -13.36
N ASP A 248 -24.48 12.49 -14.61
CA ASP A 248 -25.47 13.18 -15.43
C ASP A 248 -26.71 12.31 -15.66
N VAL A 249 -27.69 12.41 -14.76
CA VAL A 249 -28.89 11.58 -14.80
C VAL A 249 -29.76 11.81 -16.05
N ASP A 250 -29.27 12.62 -16.97
CA ASP A 250 -29.95 12.87 -18.25
C ASP A 250 -29.60 11.82 -19.30
N ASP A 251 -28.42 11.20 -19.15
CA ASP A 251 -27.85 10.32 -20.19
C ASP A 251 -28.44 8.91 -20.19
N ILE A 252 -29.34 8.65 -19.25
CA ILE A 252 -30.11 7.42 -19.26
C ILE A 252 -31.23 7.54 -20.30
N THR A 253 -30.95 7.04 -21.51
CA THR A 253 -31.92 7.07 -22.60
C THR A 253 -32.85 5.86 -22.52
N GLU A 254 -32.50 4.93 -21.64
CA GLU A 254 -33.33 3.76 -21.39
C GLU A 254 -34.38 4.14 -20.34
N TYR A 255 -35.56 3.54 -20.43
CA TYR A 255 -36.58 3.78 -19.42
C TYR A 255 -36.10 3.29 -18.04
N CYS A 256 -36.15 4.19 -17.07
CA CYS A 256 -35.72 3.88 -15.72
C CYS A 256 -36.79 4.40 -14.76
N PRO A 257 -37.45 3.49 -14.03
CA PRO A 257 -38.50 3.76 -13.02
C PRO A 257 -38.24 4.98 -12.12
N ARG A 258 -39.33 5.59 -11.63
CA ARG A 258 -39.25 6.78 -10.81
C ARG A 258 -38.64 6.51 -9.43
N GLU A 259 -39.07 5.42 -8.79
CA GLU A 259 -38.57 5.07 -7.44
C GLU A 259 -37.14 4.53 -7.48
N ILE A 260 -36.68 4.16 -8.68
CA ILE A 260 -35.29 3.79 -8.89
C ILE A 260 -34.37 5.00 -9.04
N ILE A 261 -34.76 6.00 -9.82
CA ILE A 261 -33.94 7.20 -9.86
C ILE A 261 -34.06 7.93 -8.53
N SER A 262 -35.15 7.64 -7.82
CA SER A 262 -35.30 8.11 -6.45
C SER A 262 -34.31 7.40 -5.49
N LEU A 263 -34.14 6.09 -5.65
CA LEU A 263 -33.11 5.36 -4.89
C LEU A 263 -31.68 5.87 -5.21
N MET A 264 -31.38 6.02 -6.50
CA MET A 264 -30.12 6.61 -6.96
C MET A 264 -29.88 7.96 -6.27
N LYS A 265 -30.84 8.89 -6.39
CA LYS A 265 -30.76 10.18 -5.71
C LYS A 265 -30.52 10.08 -4.20
N LEU A 266 -31.24 9.17 -3.54
CA LEU A 266 -31.15 9.06 -2.08
C LEU A 266 -29.80 8.51 -1.61
N CYS A 267 -29.28 7.54 -2.36
CA CYS A 267 -28.10 6.79 -1.96
C CYS A 267 -26.76 7.50 -2.21
N TRP A 268 -26.74 8.45 -3.15
CA TRP A 268 -25.54 9.27 -3.35
C TRP A 268 -25.68 10.65 -2.71
N GLU A 269 -26.39 10.68 -1.59
CA GLU A 269 -26.50 11.87 -0.76
C GLU A 269 -25.14 12.26 -0.19
N ALA A 270 -24.86 13.55 -0.09
CA ALA A 270 -23.59 14.00 0.50
C ALA A 270 -23.50 13.69 1.98
N ASN A 271 -24.63 13.46 2.64
CA ASN A 271 -24.61 13.06 4.04
C ASN A 271 -24.76 11.56 4.26
N PRO A 272 -23.72 10.93 4.80
CA PRO A 272 -23.76 9.54 5.25
C PRO A 272 -24.96 9.26 6.13
N GLU A 273 -25.44 10.27 6.85
CA GLU A 273 -26.65 10.13 7.67
C GLU A 273 -27.86 9.90 6.78
N ALA A 274 -27.85 10.58 5.63
CA ALA A 274 -28.99 10.62 4.73
C ALA A 274 -29.21 9.29 3.98
N ARG A 275 -28.12 8.57 3.72
CA ARG A 275 -28.18 7.32 2.98
C ARG A 275 -28.76 6.17 3.80
N PRO A 276 -29.43 5.22 3.11
CA PRO A 276 -30.04 4.05 3.76
C PRO A 276 -29.10 2.83 3.89
N THR A 277 -29.40 1.93 4.82
CA THR A 277 -28.74 0.62 4.86
C THR A 277 -29.24 -0.32 3.75
N PHE A 278 -28.43 -1.30 3.38
CA PHE A 278 -28.85 -2.31 2.42
C PHE A 278 -30.08 -3.10 2.88
N PRO A 279 -30.09 -3.65 4.12
CA PRO A 279 -31.32 -4.35 4.55
C PRO A 279 -32.61 -3.50 4.43
N GLY A 280 -32.49 -2.19 4.63
CA GLY A 280 -33.61 -1.27 4.42
C GLY A 280 -33.95 -1.11 2.94
N ILE A 281 -32.91 -0.89 2.12
CA ILE A 281 -33.04 -0.80 0.67
C ILE A 281 -33.80 -1.99 0.11
N GLU A 282 -33.37 -3.19 0.47
CA GLU A 282 -34.01 -4.43 0.08
C GLU A 282 -35.42 -4.49 0.61
N GLU A 283 -35.59 -4.28 1.93
CA GLU A 283 -36.93 -4.18 2.53
C GLU A 283 -37.93 -3.38 1.70
N LYS A 284 -37.43 -2.33 1.05
CA LYS A 284 -38.27 -1.52 0.15
C LYS A 284 -38.21 -1.94 -1.34
N PHE A 285 -37.26 -2.78 -1.72
CA PHE A 285 -37.02 -3.06 -3.14
C PHE A 285 -37.51 -4.45 -3.57
N ARG A 286 -37.27 -5.44 -2.72
CA ARG A 286 -37.82 -6.78 -2.88
C ARG A 286 -39.34 -6.72 -3.14
N PRO A 287 -40.07 -5.92 -2.35
CA PRO A 287 -41.49 -5.79 -2.73
C PRO A 287 -41.64 -5.20 -4.14
N PHE A 288 -40.77 -4.26 -4.50
CA PHE A 288 -40.91 -3.57 -5.79
C PHE A 288 -40.36 -4.31 -7.04
N TYR A 289 -39.46 -5.27 -6.85
CA TYR A 289 -38.98 -6.03 -8.00
C TYR A 289 -40.05 -6.97 -8.51
N LEU A 290 -40.45 -7.88 -7.63
CA LEU A 290 -41.30 -9.00 -8.02
C LEU A 290 -42.56 -8.56 -8.77
N SER A 291 -43.13 -7.43 -8.36
CA SER A 291 -44.43 -6.99 -8.86
C SER A 291 -44.35 -6.20 -10.17
N GLN A 292 -43.58 -5.12 -10.17
CA GLN A 292 -43.53 -4.22 -11.32
C GLN A 292 -42.30 -4.41 -12.20
N LEU A 293 -41.49 -5.41 -11.89
CA LEU A 293 -40.28 -5.66 -12.69
C LEU A 293 -40.10 -7.09 -13.22
N GLU A 294 -40.35 -8.10 -12.40
CA GLU A 294 -40.21 -9.49 -12.83
C GLU A 294 -41.46 -9.95 -13.59
N LEU B 7 41.60 5.73 7.47
CA LEU B 7 40.64 4.63 7.33
C LEU B 7 40.16 4.41 5.88
N ASN B 8 40.90 3.58 5.14
CA ASN B 8 40.40 3.02 3.89
C ASN B 8 39.32 2.03 4.26
N VAL B 9 38.47 1.68 3.30
CA VAL B 9 37.47 0.67 3.58
C VAL B 9 38.09 -0.71 3.77
N ILE B 10 37.90 -1.27 4.97
CA ILE B 10 38.31 -2.63 5.28
C ILE B 10 37.76 -3.65 4.28
N LYS B 11 38.65 -4.46 3.72
CA LYS B 11 38.25 -5.57 2.87
C LYS B 11 38.07 -6.87 3.65
N MET B 12 36.90 -7.46 3.54
CA MET B 12 36.62 -8.75 4.16
C MET B 12 36.39 -9.85 3.10
N LYS B 13 36.43 -11.11 3.55
CA LYS B 13 36.22 -12.27 2.68
C LYS B 13 35.02 -13.09 3.16
N SER B 14 34.25 -13.63 2.23
CA SER B 14 33.09 -14.43 2.63
C SER B 14 33.47 -15.70 3.41
N SER B 15 34.74 -16.10 3.35
CA SER B 15 35.25 -17.21 4.16
C SER B 15 35.46 -16.83 5.62
N ASP B 16 35.34 -15.54 5.94
CA ASP B 16 35.41 -15.07 7.31
C ASP B 16 34.14 -15.40 8.09
N PHE B 17 33.12 -15.95 7.42
CA PHE B 17 31.78 -16.05 8.00
C PHE B 17 31.15 -17.43 8.09
N LEU B 18 30.31 -17.62 9.09
CA LEU B 18 29.26 -18.62 9.03
C LEU B 18 28.01 -17.92 8.51
N GLU B 19 27.27 -18.67 7.67
CA GLU B 19 26.18 -18.07 6.89
C GLU B 19 24.77 -18.53 7.22
N SER B 20 23.97 -17.59 7.74
CA SER B 20 22.53 -17.78 7.94
C SER B 20 21.74 -16.87 6.99
N ALA B 21 20.42 -17.09 6.92
CA ALA B 21 19.56 -16.51 5.87
C ALA B 21 19.28 -15.01 5.96
N GLU B 22 18.73 -14.47 4.87
CA GLU B 22 18.33 -13.06 4.82
C GLU B 22 17.13 -12.79 5.73
N LYS B 30 20.14 -8.30 -0.30
CA LYS B 30 19.89 -9.24 0.81
C LYS B 30 20.39 -8.67 2.13
N VAL B 31 19.47 -8.29 3.03
CA VAL B 31 19.87 -7.83 4.37
C VAL B 31 19.75 -8.93 5.44
N SER B 32 20.85 -9.67 5.64
CA SER B 32 20.85 -10.79 6.56
C SER B 32 21.66 -10.49 7.83
N LEU B 33 21.52 -11.38 8.80
CA LEU B 33 22.34 -11.38 10.00
C LEU B 33 23.50 -12.37 9.82
N ALA B 34 24.73 -11.86 9.69
CA ALA B 34 25.92 -12.68 9.40
C ALA B 34 26.82 -12.94 10.60
N PHE B 35 27.48 -14.11 10.62
CA PHE B 35 28.34 -14.41 11.77
C PHE B 35 29.83 -14.38 11.43
N HIS B 36 30.52 -13.37 11.91
CA HIS B 36 31.96 -13.28 11.69
C HIS B 36 32.71 -14.15 12.71
N ARG B 37 33.54 -15.06 12.20
CA ARG B 37 34.26 -16.02 13.03
C ARG B 37 35.09 -15.36 14.13
N THR B 38 35.81 -14.29 13.80
CA THR B 38 36.61 -13.64 14.84
C THR B 38 36.08 -12.29 15.33
N GLN B 39 35.07 -11.75 14.62
CA GLN B 39 34.62 -10.40 14.95
C GLN B 39 33.15 -10.32 15.36
N GLY B 40 32.49 -11.45 15.46
CA GLY B 40 31.15 -11.49 16.00
C GLY B 40 30.00 -11.20 15.05
N LEU B 41 28.95 -10.65 15.63
CA LEU B 41 27.69 -10.44 14.95
C LEU B 41 27.70 -9.23 14.03
N MET B 42 27.19 -9.37 12.80
CA MET B 42 27.05 -8.19 11.95
C MET B 42 25.94 -8.24 10.88
N ILE B 43 25.69 -7.11 10.22
CA ILE B 43 24.70 -7.03 9.12
C ILE B 43 25.38 -7.26 7.77
N MET B 44 24.90 -8.28 7.08
CA MET B 44 25.35 -8.59 5.74
C MET B 44 24.35 -7.95 4.80
N LYS B 45 24.86 -7.26 3.78
CA LYS B 45 24.01 -6.66 2.78
C LYS B 45 24.57 -7.02 1.41
N THR B 46 24.03 -8.08 0.83
CA THR B 46 24.53 -8.60 -0.44
C THR B 46 23.94 -7.82 -1.59
N VAL B 47 24.81 -7.32 -2.46
CA VAL B 47 24.43 -6.42 -3.55
C VAL B 47 24.35 -7.14 -4.89
N TYR B 48 25.47 -7.72 -5.32
CA TYR B 48 25.58 -8.38 -6.62
C TYR B 48 26.05 -9.83 -6.48
N LYS B 49 25.52 -10.71 -7.32
CA LYS B 49 26.02 -12.07 -7.44
C LYS B 49 25.71 -12.63 -8.82
N GLY B 50 26.68 -13.29 -9.44
CA GLY B 50 26.49 -13.89 -10.76
C GLY B 50 27.76 -14.01 -11.58
N PRO B 51 27.78 -13.38 -12.76
CA PRO B 51 28.96 -13.30 -13.64
C PRO B 51 29.94 -12.17 -13.27
N ASN B 52 31.20 -12.30 -13.68
CA ASN B 52 32.21 -11.27 -13.46
C ASN B 52 31.85 -9.91 -14.05
N CYS B 53 32.42 -8.85 -13.46
CA CYS B 53 32.35 -7.51 -14.01
C CYS B 53 33.40 -6.63 -13.33
N ILE B 54 34.57 -7.22 -13.09
CA ILE B 54 35.61 -6.58 -12.28
C ILE B 54 36.13 -5.26 -12.84
N GLU B 55 35.82 -4.99 -14.11
CA GLU B 55 36.17 -3.72 -14.76
C GLU B 55 35.42 -2.54 -14.14
N HIS B 56 34.69 -2.83 -13.06
CA HIS B 56 33.98 -1.80 -12.34
C HIS B 56 34.64 -1.50 -11.00
N ASN B 57 35.30 -2.53 -10.45
CA ASN B 57 35.78 -2.52 -9.07
C ASN B 57 36.32 -1.19 -8.58
N GLU B 58 37.36 -0.70 -9.25
CA GLU B 58 37.94 0.61 -8.98
C GLU B 58 36.89 1.65 -8.57
N ALA B 59 36.00 2.00 -9.51
CA ALA B 59 34.99 3.03 -9.27
C ALA B 59 34.21 2.79 -7.98
N LEU B 60 33.76 1.55 -7.80
CA LEU B 60 33.02 1.18 -6.60
C LEU B 60 33.79 1.61 -5.36
N LEU B 61 35.03 1.16 -5.25
CA LEU B 61 35.87 1.47 -4.10
C LEU B 61 36.02 2.98 -3.90
N GLU B 62 36.14 3.71 -5.01
CA GLU B 62 36.23 5.16 -4.96
C GLU B 62 35.02 5.74 -4.23
N GLU B 63 33.83 5.26 -4.58
CA GLU B 63 32.61 5.70 -3.93
C GLU B 63 32.71 5.32 -2.46
N ALA B 64 33.13 4.07 -2.22
CA ALA B 64 33.18 3.56 -0.87
C ALA B 64 33.96 4.54 -0.01
N LYS B 65 35.17 4.87 -0.47
CA LYS B 65 36.06 5.67 0.36
C LYS B 65 35.44 7.03 0.61
N MET B 66 34.78 7.57 -0.40
CA MET B 66 34.14 8.86 -0.27
C MET B 66 33.02 8.70 0.73
N MET B 67 32.14 7.74 0.47
CA MET B 67 31.00 7.47 1.35
C MET B 67 31.47 7.00 2.73
N ASN B 68 32.77 6.73 2.84
CA ASN B 68 33.34 6.27 4.10
C ASN B 68 33.89 7.42 4.94
N ARG B 69 33.81 8.63 4.39
CA ARG B 69 34.30 9.81 5.09
C ARG B 69 33.25 10.34 6.08
N LEU B 70 31.98 10.02 5.82
CA LEU B 70 30.87 10.32 6.73
C LEU B 70 30.93 9.42 7.98
N ARG B 71 31.46 9.96 9.08
CA ARG B 71 31.55 9.20 10.32
C ARG B 71 30.99 10.01 11.47
N HIS B 72 29.96 9.44 12.09
CA HIS B 72 29.15 10.13 13.08
C HIS B 72 28.50 9.07 13.96
N SER B 73 28.24 9.41 15.21
CA SER B 73 27.71 8.44 16.17
C SER B 73 26.25 8.09 15.91
N ARG B 74 25.63 8.80 14.95
CA ARG B 74 24.26 8.49 14.55
C ARG B 74 24.15 7.93 13.13
N VAL B 75 25.28 7.64 12.49
CA VAL B 75 25.25 6.89 11.23
C VAL B 75 25.88 5.51 11.40
N VAL B 76 25.24 4.48 10.83
CA VAL B 76 25.81 3.14 10.86
C VAL B 76 27.24 3.16 10.36
N LYS B 77 28.08 2.26 10.86
CA LYS B 77 29.44 2.14 10.37
C LYS B 77 29.48 1.01 9.34
N LEU B 78 30.26 1.18 8.28
CA LEU B 78 30.64 0.05 7.45
C LEU B 78 31.74 -0.68 8.20
N LEU B 79 31.50 -1.96 8.47
CA LEU B 79 32.50 -2.76 9.13
C LEU B 79 33.47 -3.29 8.08
N GLY B 80 32.95 -3.56 6.89
CA GLY B 80 33.83 -3.96 5.81
C GLY B 80 33.16 -4.14 4.47
N VAL B 81 33.95 -4.31 3.42
CA VAL B 81 33.41 -4.66 2.10
C VAL B 81 33.88 -6.02 1.62
N ILE B 82 32.98 -6.72 0.92
CA ILE B 82 33.33 -7.99 0.29
C ILE B 82 33.31 -7.81 -1.22
N ILE B 83 34.49 -7.94 -1.83
CA ILE B 83 34.65 -7.75 -3.28
C ILE B 83 35.32 -8.97 -3.92
N GLU B 84 34.49 -9.88 -4.45
CA GLU B 84 34.98 -11.19 -4.87
C GLU B 84 34.56 -11.61 -6.29
N GLU B 85 35.08 -12.77 -6.71
CA GLU B 85 34.71 -13.41 -7.97
C GLU B 85 33.20 -13.44 -8.16
N GLY B 86 32.68 -12.43 -8.87
CA GLY B 86 31.27 -12.31 -9.16
C GLY B 86 30.35 -12.10 -7.95
N LYS B 87 30.89 -11.52 -6.88
CA LYS B 87 30.13 -11.32 -5.65
C LYS B 87 30.45 -10.00 -4.94
N TYR B 88 29.43 -9.21 -4.65
CA TYR B 88 29.64 -7.91 -4.00
C TYR B 88 28.79 -7.73 -2.73
N SER B 89 29.38 -7.19 -1.67
CA SER B 89 28.64 -7.05 -0.42
C SER B 89 29.12 -5.95 0.52
N LEU B 90 28.17 -5.47 1.32
CA LEU B 90 28.45 -4.51 2.38
C LEU B 90 28.30 -5.15 3.73
N VAL B 91 29.15 -4.77 4.66
CA VAL B 91 29.04 -5.30 6.01
C VAL B 91 28.97 -4.15 6.97
N MET B 92 27.81 -3.97 7.58
CA MET B 92 27.67 -2.91 8.58
C MET B 92 27.48 -3.46 9.98
N GLU B 93 27.60 -2.56 10.95
CA GLU B 93 27.45 -2.91 12.35
C GLU B 93 26.01 -3.32 12.60
N TYR B 94 25.81 -4.24 13.55
CA TYR B 94 24.49 -4.77 13.86
C TYR B 94 23.86 -3.98 14.99
N MET B 95 22.58 -3.64 14.84
CA MET B 95 21.79 -3.05 15.93
C MET B 95 20.66 -4.03 16.31
N GLU B 96 20.62 -4.37 17.59
CA GLU B 96 19.80 -5.49 18.08
C GLU B 96 18.30 -5.37 17.81
N LYS B 97 17.73 -4.23 18.18
CA LYS B 97 16.28 -4.03 18.13
C LYS B 97 15.75 -3.77 16.72
N GLY B 98 16.64 -3.75 15.73
CA GLY B 98 16.20 -3.65 14.36
C GLY B 98 15.78 -2.24 13.97
N ASN B 99 14.92 -2.16 12.96
CA ASN B 99 14.44 -0.88 12.48
C ASN B 99 13.41 -0.26 13.42
N LEU B 100 13.17 1.02 13.23
CA LEU B 100 12.38 1.81 14.17
C LEU B 100 10.91 1.36 14.25
N MET B 101 10.32 0.97 13.13
CA MET B 101 8.93 0.52 13.14
C MET B 101 8.81 -0.76 13.95
N HIS B 102 9.71 -1.69 13.70
CA HIS B 102 9.70 -2.95 14.43
C HIS B 102 9.75 -2.73 15.93
N VAL B 103 10.49 -1.71 16.36
CA VAL B 103 10.58 -1.37 17.77
C VAL B 103 9.28 -0.76 18.29
N LEU B 104 8.74 0.19 17.55
CA LEU B 104 7.53 0.92 17.93
C LEU B 104 6.25 0.08 17.97
N LYS B 105 6.22 -0.99 17.19
CA LYS B 105 5.08 -1.88 17.13
C LYS B 105 5.26 -3.10 18.05
N ALA B 106 6.48 -3.34 18.49
CA ALA B 106 6.78 -4.46 19.38
C ALA B 106 6.22 -4.22 20.78
N GLU B 107 5.34 -5.11 21.22
CA GLU B 107 4.73 -4.99 22.55
C GLU B 107 5.76 -4.56 23.59
N MET B 108 5.75 -3.28 23.92
CA MET B 108 6.68 -2.72 24.89
C MET B 108 6.26 -1.32 25.32
N SER B 109 7.12 -0.68 26.10
CA SER B 109 6.84 0.68 26.58
C SER B 109 8.02 1.61 26.31
N THR B 110 8.00 2.24 25.14
CA THR B 110 9.06 3.16 24.75
C THR B 110 8.73 4.51 25.38
N PRO B 111 9.35 4.82 26.52
CA PRO B 111 9.19 6.06 27.29
C PRO B 111 9.17 7.36 26.47
N LEU B 112 8.74 8.45 27.09
CA LEU B 112 8.76 9.76 26.47
C LEU B 112 10.19 10.28 26.43
N SER B 113 10.93 10.02 27.51
CA SER B 113 12.35 10.39 27.56
C SER B 113 13.05 9.81 26.34
N VAL B 114 12.73 8.54 26.12
CA VAL B 114 13.36 7.76 25.07
C VAL B 114 13.00 8.37 23.74
N LYS B 115 11.72 8.64 23.54
CA LYS B 115 11.26 9.14 22.26
C LYS B 115 11.90 10.49 21.93
N GLY B 116 11.87 11.41 22.88
CA GLY B 116 12.56 12.68 22.76
C GLY B 116 14.03 12.48 22.36
N ARG B 117 14.65 11.49 22.98
CA ARG B 117 16.03 11.24 22.67
C ARG B 117 16.24 10.81 21.22
N ILE B 118 15.44 9.84 20.79
CA ILE B 118 15.55 9.27 19.45
C ILE B 118 15.39 10.34 18.39
N ILE B 119 14.36 11.15 18.60
CA ILE B 119 14.12 12.30 17.76
C ILE B 119 15.42 13.13 17.69
N LEU B 120 15.93 13.54 18.84
CA LEU B 120 17.17 14.31 18.87
C LEU B 120 18.30 13.67 18.07
N GLU B 121 18.39 12.35 18.10
CA GLU B 121 19.47 11.69 17.38
C GLU B 121 19.26 11.69 15.86
N ILE B 122 18.02 11.50 15.43
CA ILE B 122 17.71 11.64 14.00
C ILE B 122 18.05 13.05 13.49
N ILE B 123 17.72 14.06 14.30
CA ILE B 123 18.04 15.43 13.94
C ILE B 123 19.55 15.59 13.84
N GLU B 124 20.27 15.15 14.87
CA GLU B 124 21.72 15.23 14.86
C GLU B 124 22.34 14.62 13.58
N GLY B 125 22.02 13.35 13.32
CA GLY B 125 22.55 12.66 12.14
C GLY B 125 22.18 13.27 10.79
N MET B 126 20.91 13.64 10.62
CA MET B 126 20.46 14.24 9.38
C MET B 126 21.13 15.59 9.13
N ALA B 127 21.25 16.37 10.21
CA ALA B 127 21.94 17.64 10.13
C ALA B 127 23.36 17.39 9.67
N TYR B 128 24.09 16.56 10.41
CA TYR B 128 25.46 16.23 10.02
C TYR B 128 25.59 15.83 8.54
N LEU B 129 24.68 14.98 8.09
CA LEU B 129 24.69 14.51 6.73
C LEU B 129 24.47 15.62 5.71
N HIS B 130 23.56 16.53 6.02
CA HIS B 130 23.36 17.64 5.10
C HIS B 130 24.57 18.58 5.11
N GLY B 131 25.19 18.72 6.27
CA GLY B 131 26.37 19.56 6.40
C GLY B 131 27.54 18.96 5.65
N LYS B 132 27.45 17.66 5.36
CA LYS B 132 28.44 17.03 4.49
C LYS B 132 27.91 16.88 3.05
N GLY B 133 26.85 17.61 2.71
CA GLY B 133 26.37 17.68 1.35
C GLY B 133 25.65 16.45 0.81
N VAL B 134 25.22 15.57 1.71
CA VAL B 134 24.54 14.33 1.29
C VAL B 134 23.04 14.29 1.56
N ILE B 135 22.30 13.88 0.52
CA ILE B 135 20.84 13.77 0.56
C ILE B 135 20.48 12.28 0.67
N HIS B 136 19.72 11.94 1.70
CA HIS B 136 19.38 10.54 1.91
C HIS B 136 18.48 10.05 0.82
N LYS B 137 17.40 10.80 0.58
CA LYS B 137 16.40 10.54 -0.48
C LYS B 137 15.39 9.44 -0.12
N ASP B 138 15.76 8.53 0.78
CA ASP B 138 14.84 7.45 1.12
C ASP B 138 14.64 7.30 2.61
N LEU B 139 14.58 8.42 3.32
CA LEU B 139 14.44 8.40 4.77
C LEU B 139 13.05 7.93 5.22
N LYS B 140 13.02 6.90 6.08
CA LYS B 140 11.78 6.32 6.57
C LYS B 140 12.22 5.47 7.76
N PRO B 141 11.28 4.92 8.55
CA PRO B 141 11.66 4.24 9.77
C PRO B 141 12.38 2.89 9.55
N GLU B 142 12.16 2.26 8.41
CA GLU B 142 12.94 1.07 8.08
C GLU B 142 14.44 1.40 7.88
N ASN B 143 14.75 2.66 7.55
CA ASN B 143 16.14 3.08 7.36
C ASN B 143 16.72 3.69 8.61
N ILE B 144 16.07 3.43 9.73
CA ILE B 144 16.50 3.94 11.02
C ILE B 144 16.64 2.77 11.98
N LEU B 145 17.86 2.51 12.43
CA LEU B 145 18.17 1.28 13.16
C LEU B 145 18.50 1.56 14.61
N VAL B 146 18.03 0.68 15.49
CA VAL B 146 18.08 0.97 16.93
C VAL B 146 18.97 -0.03 17.66
N ASP B 147 19.85 0.45 18.52
CA ASP B 147 20.67 -0.45 19.34
C ASP B 147 19.89 -1.03 20.54
N ASN B 148 20.62 -1.56 21.50
CA ASN B 148 19.99 -2.17 22.66
C ASN B 148 19.69 -1.18 23.80
N ASP B 149 20.42 -0.08 23.82
CA ASP B 149 20.14 0.98 24.79
C ASP B 149 19.19 2.01 24.20
N PHE B 150 18.59 1.66 23.06
CA PHE B 150 17.64 2.52 22.33
C PHE B 150 18.31 3.75 21.71
N HIS B 151 19.59 3.67 21.42
CA HIS B 151 20.21 4.71 20.61
C HIS B 151 19.97 4.40 19.14
N ILE B 152 19.92 5.42 18.30
CA ILE B 152 19.63 5.18 16.89
C ILE B 152 20.81 5.53 15.97
N LYS B 153 20.83 4.84 14.84
CA LYS B 153 21.77 5.11 13.76
C LYS B 153 21.01 5.11 12.42
N ILE B 154 21.30 6.08 11.57
CA ILE B 154 20.62 6.21 10.26
C ILE B 154 21.27 5.30 9.23
N ALA B 155 20.47 4.76 8.31
CA ALA B 155 21.00 3.86 7.28
C ALA B 155 20.48 4.22 5.90
N ASP B 156 21.01 3.53 4.89
CA ASP B 156 20.45 3.57 3.55
C ASP B 156 20.43 2.16 2.99
N LEU B 157 19.49 1.35 3.49
CA LEU B 157 19.44 -0.07 3.17
C LEU B 157 19.00 -0.36 1.74
N GLY B 158 18.69 0.70 0.99
CA GLY B 158 18.29 0.56 -0.39
C GLY B 158 19.26 1.28 -1.32
N LEU B 159 20.36 1.78 -0.74
CA LEU B 159 21.42 2.42 -1.51
C LEU B 159 20.95 3.66 -2.29
N ALA B 160 19.84 4.23 -1.87
CA ALA B 160 19.21 5.35 -2.58
C ALA B 160 20.13 6.55 -2.75
N SER B 161 21.07 6.73 -1.84
CA SER B 161 21.93 7.92 -1.87
C SER B 161 23.26 7.68 -2.54
N PHE B 162 23.46 6.49 -3.09
CA PHE B 162 24.69 6.20 -3.79
C PHE B 162 24.53 6.47 -5.27
N LYS B 163 25.51 6.03 -6.05
CA LYS B 163 25.44 6.13 -7.50
C LYS B 163 25.91 4.82 -8.13
N MET B 164 27.18 4.51 -7.93
CA MET B 164 27.80 3.33 -8.52
C MET B 164 27.35 2.03 -7.88
N TRP B 165 27.25 2.00 -6.56
CA TRP B 165 26.85 0.79 -5.85
C TRP B 165 25.39 0.48 -6.13
N SER B 166 24.59 1.52 -6.36
CA SER B 166 23.16 1.35 -6.60
C SER B 166 22.89 0.96 -8.05
N LYS B 167 23.58 1.62 -8.97
CA LYS B 167 23.55 1.23 -10.38
C LYS B 167 23.94 -0.23 -10.50
N LEU B 168 25.04 -0.60 -9.84
CA LEU B 168 25.52 -1.97 -9.83
C LEU B 168 24.47 -2.89 -9.22
N ASN B 169 23.81 -2.39 -8.18
CA ASN B 169 22.72 -3.15 -7.59
C ASN B 169 21.66 -3.44 -8.63
N ASN B 170 21.47 -2.51 -9.56
CA ASN B 170 20.44 -2.66 -10.58
C ASN B 170 20.94 -3.09 -11.96
N GLU B 171 21.99 -3.89 -11.99
CA GLU B 171 22.55 -4.39 -13.24
C GLU B 171 21.66 -5.49 -13.80
N GLU B 172 21.65 -5.61 -15.13
CA GLU B 172 20.83 -6.61 -15.80
C GLU B 172 21.32 -8.02 -15.52
N HIS B 173 22.63 -8.17 -15.32
CA HIS B 173 23.22 -9.46 -15.11
C HIS B 173 23.35 -9.78 -13.65
N ASN B 174 22.57 -9.09 -12.82
CA ASN B 174 22.61 -9.29 -11.37
C ASN B 174 21.52 -10.24 -10.89
N GLU B 175 21.94 -11.35 -10.29
CA GLU B 175 20.98 -12.34 -9.77
C GLU B 175 20.15 -11.79 -8.60
N LEU B 176 20.77 -10.96 -7.76
CA LEU B 176 20.10 -10.41 -6.58
C LEU B 176 19.82 -8.92 -6.72
N GLY B 188 5.68 1.51 2.09
CA GLY B 188 5.84 2.56 3.07
C GLY B 188 6.52 3.78 2.51
N THR B 189 7.48 3.57 1.60
CA THR B 189 8.21 4.66 0.98
C THR B 189 7.25 5.74 0.48
N LEU B 190 6.11 5.31 -0.04
CA LEU B 190 5.12 6.22 -0.56
C LEU B 190 4.63 7.19 0.53
N TYR B 191 4.47 6.63 1.72
CA TYR B 191 4.02 7.37 2.87
C TYR B 191 4.98 8.47 3.31
N TYR B 192 6.23 8.40 2.87
CA TYR B 192 7.25 9.24 3.46
C TYR B 192 7.78 10.23 2.45
N MET B 193 7.24 10.11 1.23
CA MET B 193 7.74 10.77 0.05
C MET B 193 7.11 12.13 -0.03
N ALA B 194 7.94 13.16 -0.17
CA ALA B 194 7.47 14.53 -0.31
C ALA B 194 6.50 14.61 -1.47
N PRO B 195 5.40 15.35 -1.30
CA PRO B 195 4.38 15.46 -2.35
C PRO B 195 4.93 15.92 -3.72
N GLU B 196 5.97 16.74 -3.75
CA GLU B 196 6.54 17.17 -5.03
C GLU B 196 7.04 15.97 -5.85
N HIS B 197 7.52 14.95 -5.15
CA HIS B 197 8.05 13.76 -5.82
C HIS B 197 6.98 12.75 -6.23
N LEU B 198 5.75 13.00 -5.82
CA LEU B 198 4.63 12.13 -6.17
C LEU B 198 4.15 12.42 -7.59
N ASN B 199 3.96 11.37 -8.37
CA ASN B 199 3.49 11.53 -9.75
C ASN B 199 4.49 12.29 -10.62
N ASP B 200 5.65 12.60 -10.04
CA ASP B 200 6.69 13.32 -10.76
C ASP B 200 8.08 12.84 -10.36
N VAL B 201 8.82 12.31 -11.33
CA VAL B 201 10.17 11.82 -11.07
C VAL B 201 11.22 12.80 -11.56
N ASN B 202 10.77 13.99 -11.95
CA ASN B 202 11.67 15.03 -12.44
C ASN B 202 12.16 15.93 -11.31
N ALA B 203 11.34 16.10 -10.28
CA ALA B 203 11.69 16.93 -9.14
C ALA B 203 12.84 16.33 -8.35
N LYS B 204 14.03 16.90 -8.50
CA LYS B 204 15.21 16.42 -7.79
C LYS B 204 15.01 16.46 -6.29
N PRO B 205 15.36 15.35 -5.61
CA PRO B 205 15.31 15.29 -4.15
C PRO B 205 16.14 16.42 -3.61
N THR B 206 15.70 17.02 -2.51
CA THR B 206 16.49 18.07 -1.87
C THR B 206 16.41 17.86 -0.38
N GLU B 207 17.30 18.51 0.35
CA GLU B 207 17.24 18.60 1.81
C GLU B 207 15.80 18.69 2.32
N LYS B 208 14.97 19.40 1.60
CA LYS B 208 13.58 19.59 1.98
C LYS B 208 12.71 18.34 1.83
N SER B 209 13.07 17.49 0.88
CA SER B 209 12.45 16.17 0.74
C SER B 209 12.69 15.37 2.02
N ASP B 210 13.93 15.41 2.48
CA ASP B 210 14.33 14.68 3.67
C ASP B 210 13.61 15.26 4.88
N VAL B 211 13.44 16.58 4.89
CA VAL B 211 12.67 17.22 5.96
C VAL B 211 11.19 16.74 6.02
N TYR B 212 10.58 16.62 4.84
CA TYR B 212 9.20 16.11 4.77
C TYR B 212 9.09 14.68 5.34
N SER B 213 10.02 13.85 4.86
CA SER B 213 10.10 12.47 5.34
C SER B 213 10.25 12.42 6.85
N PHE B 214 11.11 13.27 7.36
CA PHE B 214 11.31 13.33 8.79
C PHE B 214 10.01 13.71 9.54
N ALA B 215 9.22 14.63 8.98
CA ALA B 215 7.95 14.96 9.64
C ALA B 215 7.04 13.72 9.76
N VAL B 216 6.92 12.99 8.66
CA VAL B 216 6.11 11.77 8.76
C VAL B 216 6.67 10.77 9.80
N VAL B 217 7.98 10.65 9.83
CA VAL B 217 8.61 9.81 10.85
C VAL B 217 8.28 10.24 12.29
N LEU B 218 8.38 11.53 12.60
CA LEU B 218 7.90 12.09 13.86
C LEU B 218 6.52 11.58 14.21
N TRP B 219 5.59 11.78 13.28
CA TRP B 219 4.22 11.31 13.48
C TRP B 219 4.15 9.81 13.80
N ALA B 220 4.82 8.98 13.01
CA ALA B 220 4.88 7.54 13.27
C ALA B 220 5.47 7.20 14.64
N ILE B 221 6.49 7.94 15.04
CA ILE B 221 7.14 7.73 16.31
C ILE B 221 6.07 7.86 17.35
N PHE B 222 5.29 8.93 17.28
CA PHE B 222 4.25 9.09 18.29
C PHE B 222 2.99 8.25 18.14
N ALA B 223 2.79 7.66 16.98
CA ALA B 223 1.55 6.97 16.72
C ALA B 223 1.76 5.47 16.81
N ASN B 224 3.02 5.08 16.89
CA ASN B 224 3.40 3.67 16.89
C ASN B 224 2.82 2.86 15.74
N LYS B 225 2.80 3.45 14.55
CA LYS B 225 2.31 2.76 13.34
C LYS B 225 2.49 3.59 12.07
N GLU B 226 2.32 2.97 10.93
CA GLU B 226 2.40 3.69 9.66
C GLU B 226 1.17 4.58 9.54
N PRO B 227 1.29 5.69 8.79
CA PRO B 227 0.15 6.57 8.56
C PRO B 227 -0.74 6.02 7.45
N TYR B 228 -1.97 6.54 7.36
CA TYR B 228 -2.85 6.31 6.22
C TYR B 228 -3.45 4.91 6.18
N GLU B 229 -3.84 4.39 7.33
CA GLU B 229 -4.37 3.03 7.35
C GLU B 229 -5.73 2.94 6.70
N ASN B 230 -6.48 4.06 6.71
CA ASN B 230 -7.83 4.07 6.16
C ASN B 230 -7.91 4.50 4.71
N ALA B 231 -6.78 4.46 4.00
CA ALA B 231 -6.81 4.73 2.56
C ALA B 231 -7.61 3.62 1.89
N ILE B 232 -7.61 3.59 0.58
CA ILE B 232 -8.35 2.57 -0.16
C ILE B 232 -7.55 2.23 -1.41
N ALA B 233 -6.97 3.27 -1.99
CA ALA B 233 -6.31 3.16 -3.27
C ALA B 233 -5.06 4.03 -3.30
N GLU B 234 -4.03 3.51 -3.95
CA GLU B 234 -2.81 4.26 -4.20
C GLU B 234 -3.11 5.63 -4.83
N GLN B 235 -3.98 5.66 -5.83
CA GLN B 235 -4.28 6.90 -6.53
CA GLN B 235 -4.28 6.90 -6.53
C GLN B 235 -5.08 7.87 -5.67
N GLN B 236 -6.00 7.34 -4.88
CA GLN B 236 -6.79 8.16 -4.01
C GLN B 236 -5.85 8.86 -3.05
N LEU B 237 -4.96 8.06 -2.46
CA LEU B 237 -4.00 8.52 -1.48
C LEU B 237 -3.05 9.56 -2.04
N ILE B 238 -2.41 9.27 -3.17
CA ILE B 238 -1.53 10.22 -3.81
C ILE B 238 -2.25 11.53 -4.13
N MET B 239 -3.46 11.42 -4.65
CA MET B 239 -4.29 12.59 -4.86
C MET B 239 -4.44 13.42 -3.58
N ALA B 240 -4.87 12.77 -2.50
CA ALA B 240 -5.08 13.42 -1.21
C ALA B 240 -3.81 14.09 -0.64
N ILE B 241 -2.67 13.43 -0.76
CA ILE B 241 -1.46 14.02 -0.23
C ILE B 241 -1.10 15.25 -1.05
N LYS B 242 -1.17 15.14 -2.37
CA LYS B 242 -0.83 16.30 -3.19
C LYS B 242 -1.78 17.46 -2.88
N SER B 243 -3.03 17.12 -2.55
CA SER B 243 -4.03 18.11 -2.19
C SER B 243 -3.91 18.54 -0.72
N GLY B 244 -2.78 18.25 -0.10
CA GLY B 244 -2.52 18.71 1.26
C GLY B 244 -2.90 17.79 2.42
N ASN B 245 -3.37 16.58 2.15
CA ASN B 245 -3.71 15.69 3.25
C ASN B 245 -2.46 15.17 3.98
N ARG B 246 -2.61 14.81 5.25
CA ARG B 246 -1.46 14.48 6.07
C ARG B 246 -1.84 13.39 7.08
N PRO B 247 -0.83 12.80 7.75
CA PRO B 247 -1.15 11.78 8.75
C PRO B 247 -2.10 12.32 9.81
N ASP B 248 -3.05 11.49 10.24
CA ASP B 248 -4.10 11.94 11.15
C ASP B 248 -3.56 12.38 12.51
N VAL B 249 -3.52 13.69 12.74
CA VAL B 249 -3.01 14.20 13.99
C VAL B 249 -3.81 13.66 15.16
N ASP B 250 -5.12 13.53 14.99
CA ASP B 250 -5.97 13.10 16.10
C ASP B 250 -5.65 11.67 16.55
N ASP B 251 -4.77 11.02 15.81
CA ASP B 251 -4.33 9.68 16.16
C ASP B 251 -3.16 9.73 17.16
N ILE B 252 -2.59 10.92 17.35
CA ILE B 252 -1.45 11.07 18.23
C ILE B 252 -1.59 12.25 19.20
N THR B 253 -2.49 13.16 18.89
CA THR B 253 -2.73 14.33 19.73
C THR B 253 -2.93 13.90 21.17
N GLU B 254 -2.78 12.60 21.43
CA GLU B 254 -3.00 12.05 22.75
C GLU B 254 -1.83 12.30 23.69
N TYR B 255 -0.63 11.90 23.28
CA TYR B 255 0.55 12.03 24.13
C TYR B 255 1.69 12.82 23.51
N CYS B 256 1.54 13.23 22.26
CA CYS B 256 2.61 13.94 21.60
C CYS B 256 2.48 15.35 22.14
N PRO B 257 3.57 15.86 22.73
CA PRO B 257 3.65 17.27 23.10
C PRO B 257 3.31 18.19 21.92
N ARG B 258 2.78 19.35 22.24
CA ARG B 258 2.34 20.30 21.24
C ARG B 258 3.47 20.84 20.42
N GLU B 259 4.61 21.11 21.06
CA GLU B 259 5.77 21.63 20.35
C GLU B 259 6.15 20.68 19.20
N ILE B 260 6.06 19.39 19.45
CA ILE B 260 6.41 18.43 18.42
C ILE B 260 5.36 18.35 17.32
N ILE B 261 4.09 18.44 17.70
CA ILE B 261 3.04 18.49 16.72
C ILE B 261 3.24 19.69 15.78
N SER B 262 3.58 20.84 16.37
CA SER B 262 3.83 22.07 15.62
C SER B 262 5.03 21.90 14.72
N LEU B 263 6.05 21.24 15.26
CA LEU B 263 7.22 20.90 14.50
C LEU B 263 6.89 20.13 13.24
N MET B 264 6.31 18.93 13.40
CA MET B 264 6.02 18.11 12.23
C MET B 264 5.08 18.84 11.31
N LYS B 265 4.24 19.69 11.87
CA LYS B 265 3.36 20.45 11.01
C LYS B 265 4.18 21.40 10.16
N LEU B 266 5.27 21.93 10.71
CA LEU B 266 6.12 22.81 9.94
C LEU B 266 6.92 22.06 8.90
N CYS B 267 7.29 20.82 9.21
CA CYS B 267 8.15 20.03 8.33
C CYS B 267 7.43 19.33 7.20
N TRP B 268 6.13 19.04 7.35
CA TRP B 268 5.40 18.42 6.24
C TRP B 268 4.57 19.43 5.45
N GLU B 269 4.92 20.68 5.63
CA GLU B 269 4.39 21.81 4.90
C GLU B 269 4.59 21.63 3.37
N ALA B 270 3.52 21.78 2.59
CA ALA B 270 3.50 21.44 1.15
C ALA B 270 4.50 22.17 0.28
N ASN B 271 4.80 23.41 0.65
CA ASN B 271 5.80 24.19 -0.06
C ASN B 271 7.18 23.89 0.53
N PRO B 272 8.05 23.28 -0.29
CA PRO B 272 9.44 23.03 0.08
C PRO B 272 10.06 24.19 0.83
N GLU B 273 10.10 25.35 0.19
CA GLU B 273 10.76 26.53 0.72
C GLU B 273 10.36 26.87 2.16
N ALA B 274 9.15 26.49 2.53
CA ALA B 274 8.59 26.82 3.85
C ALA B 274 9.02 25.86 5.00
N ARG B 275 9.85 24.87 4.71
CA ARG B 275 10.24 23.91 5.71
C ARG B 275 11.58 24.28 6.28
N PRO B 276 11.79 23.98 7.56
CA PRO B 276 13.11 24.34 8.09
C PRO B 276 14.18 23.41 7.51
N THR B 277 15.43 23.84 7.61
CA THR B 277 16.56 22.96 7.46
C THR B 277 16.73 22.24 8.80
N PHE B 278 17.50 21.16 8.80
CA PHE B 278 17.79 20.41 10.02
C PHE B 278 18.52 21.20 11.10
N PRO B 279 19.50 22.04 10.72
CA PRO B 279 20.06 22.87 11.80
C PRO B 279 19.00 23.75 12.46
N GLY B 280 18.09 24.33 11.67
CA GLY B 280 16.98 25.10 12.23
C GLY B 280 16.12 24.31 13.21
N ILE B 281 15.73 23.12 12.75
CA ILE B 281 15.05 22.14 13.60
C ILE B 281 15.76 21.89 14.93
N GLU B 282 17.06 21.59 14.87
CA GLU B 282 17.85 21.27 16.06
C GLU B 282 17.87 22.47 16.98
N GLU B 283 17.92 23.65 16.38
CA GLU B 283 17.95 24.89 17.15
C GLU B 283 16.63 25.09 17.88
N LYS B 284 15.51 24.65 17.29
CA LYS B 284 14.24 24.75 18.03
C LYS B 284 13.91 23.57 18.95
N PHE B 285 14.57 22.44 18.77
CA PHE B 285 14.21 21.22 19.46
C PHE B 285 15.13 20.92 20.64
N ARG B 286 16.39 21.26 20.49
CA ARG B 286 17.37 20.94 21.53
C ARG B 286 17.04 21.58 22.87
N PRO B 287 16.72 22.89 22.89
CA PRO B 287 16.30 23.48 24.18
C PRO B 287 15.09 22.80 24.79
N PHE B 288 14.02 22.61 24.01
CA PHE B 288 12.81 21.93 24.48
C PHE B 288 13.09 20.55 25.07
N TYR B 289 13.94 19.77 24.41
CA TYR B 289 14.26 18.45 24.88
C TYR B 289 14.98 18.60 26.20
N LEU B 290 15.84 19.63 26.25
CA LEU B 290 16.59 19.98 27.46
C LEU B 290 15.68 20.57 28.55
N SER B 291 14.45 20.88 28.20
CA SER B 291 13.56 21.53 29.14
C SER B 291 12.52 20.55 29.69
N GLN B 292 12.45 19.39 29.07
CA GLN B 292 11.50 18.35 29.44
CA GLN B 292 11.49 18.38 29.51
C GLN B 292 12.20 17.29 30.27
N LEU B 293 12.31 16.11 29.65
CA LEU B 293 13.03 14.94 30.17
C LEU B 293 14.19 15.29 31.12
N GLU B 294 14.77 16.47 30.93
CA GLU B 294 15.79 17.00 31.81
C GLU B 294 15.19 17.64 33.06
#